data_3TVY
#
_entry.id   3TVY
#
_cell.length_a   74.749
_cell.length_b   101.290
_cell.length_c   52.665
_cell.angle_alpha   90.00
_cell.angle_beta   90.00
_cell.angle_gamma   90.00
#
_symmetry.space_group_name_H-M   'P 21 21 2'
#
loop_
_entity.id
_entity.type
_entity.pdbx_description
1 polymer 'Cell wall surface anchor family protein'
2 non-polymer '4-(2-HYDROXYETHYL)-1-PIPERAZINE ETHANESULFONIC ACID'
3 non-polymer 'MAGNESIUM ION'
4 water water
#
_entity_poly.entity_id   1
_entity_poly.type   'polypeptide(L)'
_entity_poly.pdbx_seq_one_letter_code
;TVETKELNQPLDVVVLLDNSNSMNNERANNSQRALKAGEAVEKLIDKITSNKDNRVALVTYASTIFDGTEATVSKGVADQ
NGKALNDSVSWDYHKTTFTATTHNYSYLNLTNDANEVNILKSRIPKEAEHINGDRTLYQFGATFTQKALMKANEILETQS
SNARKKLIFHVTDGVPTMSYAINFNPYISTSYQNQFNSFLNKIPDRSGILQEDFIINGDDYQIVKGDGESFKLFSDRKVP
VTGGTTQAAYRVPQNQLSVMSNEGYAINSGYIYLYWRDYNWVYPFDPKTKKVSATKQIKTHGEPTTLYFNGNIRPKGYDI
FTVGIGVNGDPGATPLEAEKFMQSISSKTENYTNVDDTNKIYDELNKYFKTIV
;
_entity_poly.pdbx_strand_id   A
#
loop_
_chem_comp.id
_chem_comp.type
_chem_comp.name
_chem_comp.formula
EPE non-polymer '4-(2-HYDROXYETHYL)-1-PIPERAZINE ETHANESULFONIC ACID' 'C8 H18 N2 O4 S'
MG non-polymer 'MAGNESIUM ION' 'Mg 2'
#
# COMPACT_ATOMS: atom_id res chain seq x y z
N GLN A 9 -29.81 14.27 -3.06
CA GLN A 9 -28.41 14.66 -2.69
C GLN A 9 -27.46 14.24 -3.79
N PRO A 10 -26.68 15.19 -4.31
CA PRO A 10 -25.68 14.93 -5.36
C PRO A 10 -24.60 13.98 -4.84
N LEU A 11 -23.87 13.34 -5.76
CA LEU A 11 -22.81 12.40 -5.37
C LEU A 11 -21.41 12.95 -5.61
N ASP A 12 -20.57 12.82 -4.60
CA ASP A 12 -19.14 13.05 -4.71
C ASP A 12 -18.48 11.69 -4.61
N VAL A 13 -17.79 11.27 -5.68
CA VAL A 13 -17.26 9.89 -5.77
C VAL A 13 -15.73 9.93 -5.97
N VAL A 14 -14.99 9.23 -5.11
CA VAL A 14 -13.59 8.97 -5.38
C VAL A 14 -13.45 7.50 -5.86
N VAL A 15 -12.87 7.31 -7.05
CA VAL A 15 -12.39 5.97 -7.50
C VAL A 15 -10.89 5.78 -7.11
N LEU A 16 -10.61 4.71 -6.35
CA LEU A 16 -9.26 4.32 -5.98
C LEU A 16 -8.90 3.13 -6.85
N LEU A 17 -7.76 3.19 -7.55
CA LEU A 17 -7.40 2.17 -8.51
C LEU A 17 -5.99 1.61 -8.28
N ASP A 18 -5.91 0.31 -8.02
CA ASP A 18 -4.65 -0.40 -7.79
C ASP A 18 -3.93 -0.56 -9.15
N ASN A 19 -2.70 -0.08 -9.23
CA ASN A 19 -1.83 -0.16 -10.44
C ASN A 19 -0.52 -0.89 -10.06
N SER A 20 -0.58 -1.74 -9.04
CA SER A 20 0.56 -2.57 -8.67
C SER A 20 1.06 -3.46 -9.83
N ASN A 21 2.34 -3.85 -9.79
CA ASN A 21 3.00 -4.74 -10.81
C ASN A 21 2.21 -6.01 -11.14
N SER A 22 1.53 -6.56 -10.11
CA SER A 22 0.71 -7.73 -10.28
C SER A 22 -0.50 -7.49 -11.24
N MET A 23 -0.83 -6.21 -11.50
CA MET A 23 -1.94 -5.86 -12.42
C MET A 23 -1.54 -5.90 -13.91
N ASN A 24 -0.25 -5.98 -14.17
CA ASN A 24 0.27 -5.94 -15.55
C ASN A 24 -0.49 -6.96 -16.41
N ASN A 25 -0.82 -6.55 -17.63
CA ASN A 25 -1.76 -7.33 -18.47
C ASN A 25 -1.33 -8.76 -18.82
N GLU A 26 -0.03 -9.05 -18.71
CA GLU A 26 0.51 -10.40 -18.95
C GLU A 26 0.27 -11.33 -17.78
N ARG A 27 0.08 -10.78 -16.60
CA ARG A 27 0.06 -11.59 -15.38
C ARG A 27 -1.29 -12.29 -15.22
N ALA A 28 -1.32 -13.25 -14.30
CA ALA A 28 -2.48 -14.11 -14.05
C ALA A 28 -3.01 -14.65 -15.37
N ASN A 29 -2.10 -15.29 -16.09
CA ASN A 29 -2.42 -16.02 -17.30
C ASN A 29 -3.03 -15.10 -18.37
N ASN A 30 -2.41 -13.93 -18.54
CA ASN A 30 -2.84 -12.97 -19.57
C ASN A 30 -4.29 -12.46 -19.44
N SER A 31 -4.83 -12.44 -18.23
CA SER A 31 -6.23 -12.01 -17.99
C SER A 31 -6.46 -10.49 -18.09
N GLN A 32 -5.39 -9.74 -18.27
CA GLN A 32 -5.46 -8.32 -18.58
C GLN A 32 -6.12 -7.49 -17.46
N ARG A 33 -5.60 -7.62 -16.24
CA ARG A 33 -6.18 -6.95 -15.09
C ARG A 33 -6.21 -5.41 -15.24
N ALA A 34 -5.08 -4.78 -15.56
CA ALA A 34 -5.02 -3.33 -15.74
C ALA A 34 -5.94 -2.80 -16.85
N LEU A 35 -5.96 -3.49 -18.00
CA LEU A 35 -6.86 -3.12 -19.11
C LEU A 35 -8.32 -3.11 -18.65
N LYS A 36 -8.74 -4.26 -18.12
CA LYS A 36 -10.12 -4.52 -17.74
C LYS A 36 -10.56 -3.67 -16.56
N ALA A 37 -9.70 -3.58 -15.54
CA ALA A 37 -9.93 -2.65 -14.42
C ALA A 37 -10.07 -1.21 -14.91
N GLY A 38 -9.19 -0.79 -15.82
CA GLY A 38 -9.20 0.59 -16.36
C GLY A 38 -10.44 0.95 -17.13
N GLU A 39 -10.84 0.04 -18.02
CA GLU A 39 -12.07 0.22 -18.77
C GLU A 39 -13.29 0.17 -17.87
N ALA A 40 -13.29 -0.70 -16.85
CA ALA A 40 -14.41 -0.73 -15.89
C ALA A 40 -14.56 0.63 -15.20
N VAL A 41 -13.44 1.18 -14.70
CA VAL A 41 -13.41 2.49 -14.03
C VAL A 41 -13.91 3.59 -14.97
N GLU A 42 -13.42 3.57 -16.22
CA GLU A 42 -13.84 4.53 -17.24
C GLU A 42 -15.36 4.52 -17.45
N LYS A 43 -15.92 3.33 -17.66
CA LYS A 43 -17.36 3.19 -17.80
C LYS A 43 -18.15 3.67 -16.56
N LEU A 44 -17.67 3.32 -15.36
CA LEU A 44 -18.23 3.84 -14.10
C LEU A 44 -18.22 5.36 -14.09
N ILE A 45 -17.11 5.94 -14.52
CA ILE A 45 -16.98 7.40 -14.51
C ILE A 45 -18.05 8.03 -15.40
N ASP A 46 -18.26 7.47 -16.60
CA ASP A 46 -19.30 7.94 -17.53
C ASP A 46 -20.69 7.79 -16.90
N LYS A 47 -20.96 6.66 -16.25
CA LYS A 47 -22.27 6.42 -15.65
C LYS A 47 -22.56 7.44 -14.53
N ILE A 48 -21.59 7.66 -13.66
CA ILE A 48 -21.73 8.66 -12.59
C ILE A 48 -21.98 10.08 -13.12
N THR A 49 -21.20 10.49 -14.12
CA THR A 49 -21.23 11.86 -14.60
C THR A 49 -22.38 12.18 -15.58
N SER A 50 -23.15 11.18 -15.97
CA SER A 50 -24.31 11.41 -16.82
C SER A 50 -25.40 12.13 -16.00
N ASN A 51 -25.21 12.19 -14.68
CA ASN A 51 -25.97 13.14 -13.88
C ASN A 51 -25.04 14.33 -13.67
N LYS A 52 -25.48 15.50 -14.17
CA LYS A 52 -24.67 16.72 -14.07
C LYS A 52 -24.30 17.14 -12.64
N ASP A 53 -25.12 16.78 -11.64
CA ASP A 53 -24.88 17.18 -10.23
C ASP A 53 -23.66 16.48 -9.57
N ASN A 54 -23.28 15.32 -10.12
CA ASN A 54 -22.28 14.44 -9.52
C ASN A 54 -20.84 14.82 -9.85
N ARG A 55 -19.96 14.78 -8.86
CA ARG A 55 -18.54 15.01 -9.10
C ARG A 55 -17.71 13.72 -8.91
N VAL A 56 -16.55 13.67 -9.58
CA VAL A 56 -15.67 12.48 -9.51
C VAL A 56 -14.21 12.88 -9.32
N ALA A 57 -13.45 11.98 -8.70
CA ALA A 57 -12.02 12.12 -8.54
C ALA A 57 -11.40 10.72 -8.66
N LEU A 58 -10.11 10.70 -9.01
CA LEU A 58 -9.44 9.43 -9.29
C LEU A 58 -8.10 9.36 -8.57
N VAL A 59 -7.90 8.31 -7.79
CA VAL A 59 -6.65 8.05 -7.13
C VAL A 59 -6.12 6.72 -7.60
N THR A 60 -5.07 6.73 -8.40
CA THR A 60 -4.34 5.53 -8.76
C THR A 60 -3.14 5.33 -7.84
N TYR A 61 -2.94 4.10 -7.37
CA TYR A 61 -1.94 3.82 -6.36
C TYR A 61 -1.18 2.49 -6.55
N ALA A 62 0.05 2.45 -6.05
CA ALA A 62 0.78 1.20 -5.83
C ALA A 62 1.66 1.43 -4.59
N SER A 63 2.98 1.57 -4.75
CA SER A 63 3.83 1.86 -3.59
C SER A 63 3.58 3.30 -3.08
N THR A 64 3.03 4.14 -3.95
CA THR A 64 2.72 5.52 -3.63
C THR A 64 1.54 5.97 -4.53
N ILE A 65 1.14 7.24 -4.40
CA ILE A 65 0.12 7.82 -5.29
C ILE A 65 0.73 8.15 -6.66
N PHE A 66 0.11 7.66 -7.74
CA PHE A 66 0.62 7.94 -9.10
C PHE A 66 -0.04 9.21 -9.63
N ASP A 67 0.52 10.36 -9.27
CA ASP A 67 -0.14 11.64 -9.57
C ASP A 67 0.75 12.57 -10.39
N GLY A 68 1.79 11.99 -10.97
CA GLY A 68 2.73 12.74 -11.80
C GLY A 68 3.81 13.47 -11.04
N THR A 69 3.85 13.34 -9.72
CA THR A 69 4.91 13.98 -8.93
C THR A 69 6.02 12.94 -8.70
N GLU A 70 7.15 13.42 -8.20
CA GLU A 70 8.31 12.60 -7.90
C GLU A 70 8.11 11.85 -6.59
N ALA A 71 8.45 10.56 -6.56
CA ALA A 71 8.39 9.76 -5.33
C ALA A 71 9.69 8.99 -5.08
N THR A 72 9.89 8.51 -3.84
CA THR A 72 11.08 7.71 -3.49
C THR A 72 10.66 6.44 -2.74
N VAL A 73 11.26 5.30 -3.10
CA VAL A 73 10.98 4.07 -2.35
C VAL A 73 12.29 3.48 -1.86
N SER A 74 12.27 2.77 -0.73
CA SER A 74 13.45 2.06 -0.21
C SER A 74 13.32 0.57 -0.62
N LYS A 75 14.46 -0.04 -0.95
CA LYS A 75 14.54 -1.46 -1.30
C LYS A 75 15.84 -2.08 -0.78
N GLY A 76 15.96 -3.41 -0.94
CA GLY A 76 17.22 -4.12 -0.66
C GLY A 76 17.17 -4.87 0.65
N VAL A 77 18.32 -5.38 1.08
CA VAL A 77 18.45 -6.12 2.34
C VAL A 77 19.49 -5.42 3.18
N ALA A 78 19.99 -6.05 4.24
CA ALA A 78 21.02 -5.40 5.04
C ALA A 78 21.97 -6.39 5.67
N ASP A 79 23.08 -5.87 6.19
CA ASP A 79 23.95 -6.69 7.00
C ASP A 79 23.43 -6.71 8.45
N GLN A 80 24.21 -7.32 9.34
CA GLN A 80 23.81 -7.49 10.74
C GLN A 80 23.72 -6.17 11.53
N ASN A 81 24.21 -5.08 10.96
CA ASN A 81 24.15 -3.78 11.59
C ASN A 81 23.12 -2.88 10.93
N GLY A 82 22.39 -3.43 9.97
CA GLY A 82 21.34 -2.71 9.25
C GLY A 82 21.84 -1.88 8.09
N LYS A 83 23.08 -2.09 7.67
CA LYS A 83 23.62 -1.40 6.51
C LYS A 83 23.07 -2.05 5.24
N ALA A 84 22.46 -1.20 4.40
CA ALA A 84 21.60 -1.66 3.31
C ALA A 84 22.47 -2.00 2.12
N LEU A 85 22.08 -3.05 1.40
CA LEU A 85 22.64 -3.35 0.08
C LEU A 85 21.56 -3.97 -0.80
N ASN A 86 21.67 -3.75 -2.10
CA ASN A 86 20.77 -4.39 -3.01
C ASN A 86 21.45 -5.63 -3.56
N ASP A 87 20.93 -6.81 -3.22
CA ASP A 87 21.45 -8.08 -3.74
C ASP A 87 20.85 -8.54 -5.07
N SER A 88 20.02 -7.71 -5.70
CA SER A 88 19.50 -8.13 -7.00
C SER A 88 20.60 -8.22 -8.06
N VAL A 89 20.40 -9.12 -9.02
CA VAL A 89 21.32 -9.17 -10.12
C VAL A 89 21.22 -7.94 -11.00
N SER A 90 20.08 -7.24 -11.01
CA SER A 90 19.81 -6.11 -11.92
C SER A 90 20.28 -4.73 -11.44
N TRP A 91 20.74 -4.65 -10.20
CA TRP A 91 21.11 -3.37 -9.66
C TRP A 91 22.47 -3.48 -9.01
N ASP A 92 23.28 -2.44 -9.14
CA ASP A 92 24.44 -2.21 -8.25
C ASP A 92 24.04 -2.27 -6.76
N TYR A 93 24.93 -2.77 -5.91
CA TYR A 93 24.56 -3.02 -4.52
C TYR A 93 24.26 -1.76 -3.71
N HIS A 94 24.71 -0.60 -4.17
CA HIS A 94 24.47 0.68 -3.51
C HIS A 94 23.03 1.17 -3.72
N LYS A 95 22.33 0.58 -4.70
CA LYS A 95 20.99 1.02 -5.16
C LYS A 95 19.86 0.57 -4.20
N THR A 96 19.81 1.22 -3.04
CA THR A 96 18.88 0.85 -1.98
C THR A 96 17.75 1.87 -1.79
N THR A 97 17.73 2.92 -2.62
CA THR A 97 16.53 3.73 -2.80
C THR A 97 16.37 4.00 -4.30
N PHE A 98 15.12 4.17 -4.75
CA PHE A 98 14.84 4.61 -6.12
C PHE A 98 14.00 5.87 -6.07
N THR A 99 14.32 6.85 -6.94
CA THR A 99 13.65 8.13 -7.00
C THR A 99 13.25 8.37 -8.46
N ALA A 100 11.96 8.56 -8.75
CA ALA A 100 11.44 8.70 -10.13
C ALA A 100 10.18 9.57 -10.18
N THR A 101 9.95 10.16 -11.36
CA THR A 101 8.66 10.83 -11.62
C THR A 101 7.55 9.79 -11.84
N THR A 102 6.48 9.86 -11.06
CA THR A 102 5.39 8.88 -11.22
C THR A 102 4.63 9.20 -12.51
N HIS A 103 3.95 8.21 -13.07
CA HIS A 103 2.97 8.47 -14.13
C HIS A 103 1.84 9.31 -13.55
N ASN A 104 1.27 10.20 -14.36
CA ASN A 104 0.10 10.94 -13.91
C ASN A 104 -1.19 10.18 -14.20
N TYR A 105 -1.60 9.35 -13.24
CA TYR A 105 -2.76 8.50 -13.38
C TYR A 105 -3.87 8.89 -12.39
N SER A 106 -3.79 10.10 -11.87
CA SER A 106 -4.76 10.51 -10.86
C SER A 106 -5.39 11.84 -11.21
N TYR A 107 -6.58 12.09 -10.68
CA TYR A 107 -7.19 13.39 -10.81
C TYR A 107 -7.73 13.79 -9.46
N LEU A 108 -6.95 14.58 -8.73
CA LEU A 108 -7.18 14.71 -7.27
C LEU A 108 -8.21 15.76 -6.87
N ASN A 109 -8.92 16.33 -7.84
CA ASN A 109 -9.96 17.31 -7.55
C ASN A 109 -11.31 16.78 -7.99
N LEU A 110 -12.29 16.80 -7.09
CA LEU A 110 -13.67 16.47 -7.44
C LEU A 110 -14.18 17.42 -8.51
N THR A 111 -14.60 16.88 -9.64
CA THR A 111 -15.03 17.73 -10.73
C THR A 111 -16.27 17.21 -11.39
N ASN A 112 -17.10 18.15 -11.85
CA ASN A 112 -18.18 17.82 -12.79
C ASN A 112 -18.09 18.67 -14.07
N ASP A 113 -16.92 19.23 -14.34
CA ASP A 113 -16.67 19.99 -15.56
C ASP A 113 -16.35 18.98 -16.66
N ALA A 114 -17.09 19.02 -17.77
CA ALA A 114 -16.96 18.06 -18.88
C ALA A 114 -15.51 17.91 -19.40
N ASN A 115 -14.84 19.04 -19.60
CA ASN A 115 -13.46 19.04 -20.04
C ASN A 115 -12.59 18.33 -19.00
N GLU A 116 -12.80 18.68 -17.72
CA GLU A 116 -12.00 18.13 -16.63
CA GLU A 116 -12.01 18.13 -16.64
C GLU A 116 -12.20 16.62 -16.49
N VAL A 117 -13.45 16.16 -16.61
CA VAL A 117 -13.80 14.75 -16.60
C VAL A 117 -13.08 13.95 -17.70
N ASN A 118 -13.03 14.50 -18.92
CA ASN A 118 -12.31 13.86 -20.02
C ASN A 118 -10.80 13.77 -19.74
N ILE A 119 -10.26 14.77 -19.05
CA ILE A 119 -8.84 14.74 -18.62
C ILE A 119 -8.66 13.58 -17.61
N LEU A 120 -9.59 13.47 -16.66
CA LEU A 120 -9.57 12.38 -15.67
C LEU A 120 -9.58 11.02 -16.37
N LYS A 121 -10.52 10.84 -17.28
CA LYS A 121 -10.64 9.61 -18.02
C LYS A 121 -9.38 9.29 -18.82
N SER A 122 -8.73 10.31 -19.39
CA SER A 122 -7.50 10.06 -20.16
C SER A 122 -6.30 9.64 -19.29
N ARG A 123 -6.35 9.96 -17.99
CA ARG A 123 -5.31 9.53 -17.03
C ARG A 123 -5.49 8.13 -16.42
N ILE A 124 -6.63 7.48 -16.70
CA ILE A 124 -6.92 6.14 -16.18
C ILE A 124 -5.98 5.13 -16.83
N PRO A 125 -5.16 4.43 -16.01
CA PRO A 125 -4.19 3.48 -16.57
C PRO A 125 -4.86 2.25 -17.14
N LYS A 126 -4.30 1.74 -18.24
CA LYS A 126 -4.75 0.48 -18.86
C LYS A 126 -3.67 -0.59 -18.84
N GLU A 127 -2.54 -0.29 -18.20
CA GLU A 127 -1.41 -1.19 -18.12
C GLU A 127 -0.67 -0.89 -16.82
N ALA A 128 0.08 -1.85 -16.31
CA ALA A 128 0.99 -1.67 -15.13
C ALA A 128 2.45 -1.91 -15.53
N GLU A 129 3.42 -1.60 -14.67
CA GLU A 129 4.85 -1.79 -15.06
C GLU A 129 5.18 -3.25 -15.31
N HIS A 130 6.14 -3.50 -16.21
CA HIS A 130 6.58 -4.84 -16.60
C HIS A 130 7.99 -5.05 -16.02
N ILE A 131 8.27 -6.25 -15.55
CA ILE A 131 9.58 -6.56 -14.96
C ILE A 131 10.73 -6.28 -15.94
N ASN A 132 10.43 -6.34 -17.23
CA ASN A 132 11.40 -6.10 -18.31
C ASN A 132 11.16 -4.77 -18.98
N GLY A 133 10.26 -3.95 -18.43
CA GLY A 133 9.93 -2.66 -19.01
C GLY A 133 10.71 -1.57 -18.32
N ASP A 134 10.02 -0.67 -17.61
CA ASP A 134 10.71 0.43 -16.90
C ASP A 134 11.07 -0.06 -15.48
N ARG A 135 12.32 -0.47 -15.30
CA ARG A 135 12.68 -1.25 -14.11
C ARG A 135 12.78 -0.37 -12.89
N THR A 136 12.96 0.92 -13.13
CA THR A 136 12.93 1.91 -12.05
C THR A 136 11.52 2.06 -11.51
N LEU A 137 10.56 2.30 -12.41
CA LEU A 137 9.17 2.46 -12.00
C LEU A 137 8.57 1.16 -11.43
N TYR A 138 9.09 0.02 -11.90
CA TYR A 138 8.75 -1.28 -11.37
C TYR A 138 9.00 -1.35 -9.86
N GLN A 139 10.00 -0.63 -9.36
CA GLN A 139 10.24 -0.56 -7.91
C GLN A 139 9.08 0.08 -7.15
N PHE A 140 8.22 0.79 -7.85
CA PHE A 140 7.13 1.53 -7.24
C PHE A 140 5.81 0.79 -7.31
N GLY A 141 5.85 -0.49 -7.74
CA GLY A 141 4.66 -1.30 -8.06
C GLY A 141 4.10 -2.18 -6.94
N ALA A 142 4.43 -1.86 -5.69
CA ALA A 142 3.87 -2.60 -4.55
C ALA A 142 2.47 -2.07 -4.14
N THR A 143 1.98 -2.43 -2.96
CA THR A 143 0.60 -2.16 -2.56
C THR A 143 0.50 -1.44 -1.20
N PHE A 144 0.40 -0.11 -1.26
CA PHE A 144 0.36 0.75 -0.06
C PHE A 144 -1.06 1.27 0.08
N THR A 145 -1.94 0.37 0.50
CA THR A 145 -3.37 0.62 0.60
C THR A 145 -3.71 1.80 1.51
N GLN A 146 -3.02 1.90 2.66
CA GLN A 146 -3.35 2.96 3.64
C GLN A 146 -3.18 4.37 3.05
N LYS A 147 -2.13 4.57 2.26
CA LYS A 147 -1.84 5.87 1.67
C LYS A 147 -2.96 6.21 0.67
N ALA A 148 -3.41 5.20 -0.08
CA ALA A 148 -4.42 5.43 -1.08
C ALA A 148 -5.74 5.81 -0.42
N LEU A 149 -6.12 5.06 0.61
CA LEU A 149 -7.33 5.34 1.41
C LEU A 149 -7.24 6.73 2.07
N MET A 150 -6.08 7.09 2.60
CA MET A 150 -5.85 8.41 3.15
C MET A 150 -6.11 9.47 2.12
N LYS A 151 -5.65 9.23 0.88
CA LYS A 151 -5.85 10.22 -0.18
C LYS A 151 -7.34 10.40 -0.56
N ALA A 152 -8.06 9.30 -0.71
CA ALA A 152 -9.50 9.30 -1.03
C ALA A 152 -10.27 10.02 0.08
N ASN A 153 -9.89 9.74 1.34
CA ASN A 153 -10.47 10.38 2.49
C ASN A 153 -10.17 11.89 2.50
N GLU A 154 -8.92 12.25 2.18
CA GLU A 154 -8.48 13.65 2.16
C GLU A 154 -9.28 14.44 1.14
N ILE A 155 -9.54 13.83 -0.02
CA ILE A 155 -10.28 14.54 -1.10
C ILE A 155 -11.69 14.87 -0.64
N LEU A 156 -12.35 13.87 -0.03
CA LEU A 156 -13.74 14.00 0.43
C LEU A 156 -13.86 14.96 1.61
N GLU A 157 -12.97 14.79 2.59
CA GLU A 157 -12.96 15.67 3.74
C GLU A 157 -12.67 17.10 3.40
N THR A 158 -11.80 17.35 2.42
CA THR A 158 -11.42 18.73 2.11
C THR A 158 -12.29 19.38 1.04
N GLN A 159 -12.86 18.57 0.14
CA GLN A 159 -13.55 19.11 -1.04
C GLN A 159 -15.05 18.89 -1.06
N SER A 160 -15.55 17.97 -0.24
CA SER A 160 -16.96 17.69 -0.21
C SER A 160 -17.55 18.37 1.02
N SER A 161 -18.77 17.99 1.41
CA SER A 161 -19.43 18.60 2.56
C SER A 161 -20.46 17.67 3.12
N ASN A 162 -20.93 18.02 4.32
CA ASN A 162 -21.96 17.30 5.03
C ASN A 162 -23.25 17.21 4.22
N ALA A 163 -23.45 18.10 3.26
CA ALA A 163 -24.65 18.09 2.40
C ALA A 163 -24.58 17.19 1.15
N ARG A 164 -23.47 16.49 0.94
CA ARG A 164 -23.34 15.71 -0.31
C ARG A 164 -23.22 14.23 0.00
N LYS A 165 -23.74 13.37 -0.86
CA LYS A 165 -23.59 11.93 -0.63
C LYS A 165 -22.20 11.49 -1.10
N LYS A 166 -21.43 10.87 -0.18
CA LYS A 166 -20.04 10.50 -0.46
C LYS A 166 -19.80 8.98 -0.63
N LEU A 167 -19.18 8.67 -1.77
CA LEU A 167 -18.92 7.27 -2.18
C LEU A 167 -17.41 7.06 -2.53
N ILE A 168 -16.90 5.89 -2.16
CA ILE A 168 -15.63 5.41 -2.69
C ILE A 168 -15.81 4.05 -3.38
N PHE A 169 -15.25 3.95 -4.58
CA PHE A 169 -15.14 2.68 -5.28
C PHE A 169 -13.68 2.29 -5.40
N HIS A 170 -13.32 1.15 -4.82
CA HIS A 170 -11.93 0.74 -4.71
C HIS A 170 -11.70 -0.56 -5.49
N VAL A 171 -10.87 -0.48 -6.54
CA VAL A 171 -10.53 -1.64 -7.34
C VAL A 171 -9.10 -2.07 -7.01
N THR A 172 -8.95 -3.30 -6.49
CA THR A 172 -7.63 -3.79 -6.05
C THR A 172 -7.43 -5.28 -6.34
N ASP A 173 -6.18 -5.70 -6.46
CA ASP A 173 -5.87 -7.13 -6.60
C ASP A 173 -4.88 -7.61 -5.54
N GLY A 174 -4.75 -6.87 -4.42
CA GLY A 174 -3.80 -7.34 -3.40
C GLY A 174 -3.95 -6.76 -2.03
N VAL A 175 -3.67 -7.57 -1.01
CA VAL A 175 -3.52 -7.04 0.35
C VAL A 175 -2.31 -6.06 0.42
N PRO A 176 -2.32 -5.13 1.41
CA PRO A 176 -1.21 -4.19 1.57
C PRO A 176 0.10 -4.90 1.86
N THR A 177 1.16 -4.38 1.27
CA THR A 177 2.52 -4.85 1.53
C THR A 177 3.38 -3.70 2.07
N MET A 178 2.73 -2.61 2.46
CA MET A 178 3.40 -1.45 3.08
C MET A 178 2.35 -0.83 3.98
N SER A 179 2.79 -0.02 4.95
CA SER A 179 1.88 0.66 5.90
C SER A 179 2.56 1.85 6.57
N TYR A 180 1.79 2.81 7.10
CA TYR A 180 2.43 3.79 7.95
C TYR A 180 2.57 3.20 9.34
N ALA A 181 3.62 3.62 10.02
CA ALA A 181 3.94 3.13 11.38
C ALA A 181 3.07 3.75 12.46
N ILE A 182 2.54 2.93 13.36
CA ILE A 182 2.00 3.41 14.63
C ILE A 182 3.13 4.01 15.49
N ASN A 183 2.88 5.21 16.03
CA ASN A 183 3.89 5.98 16.78
C ASN A 183 4.10 5.55 18.25
N PHE A 184 4.55 4.31 18.44
CA PHE A 184 4.93 3.83 19.77
C PHE A 184 6.12 4.63 20.31
N ASN A 185 6.16 4.88 21.62
CA ASN A 185 7.24 5.66 22.20
C ASN A 185 8.14 4.68 22.94
N PRO A 186 9.39 4.48 22.43
CA PRO A 186 10.31 3.54 23.05
C PRO A 186 11.03 4.05 24.30
N TYR A 187 10.89 5.34 24.62
CA TYR A 187 11.67 5.99 25.68
C TYR A 187 10.85 6.29 26.94
N ILE A 188 9.65 5.69 27.03
CA ILE A 188 8.91 5.74 28.28
C ILE A 188 8.68 4.32 28.85
N SER A 189 8.35 4.24 30.13
CA SER A 189 8.19 2.93 30.77
C SER A 189 6.85 2.23 30.44
N THR A 190 5.84 2.99 30.01
CA THR A 190 4.54 2.43 29.65
C THR A 190 4.73 1.34 28.63
N SER A 191 4.15 0.18 28.89
CA SER A 191 4.30 -0.94 27.96
C SER A 191 3.76 -0.59 26.58
N TYR A 192 4.22 -1.32 25.57
CA TYR A 192 3.70 -1.13 24.24
C TYR A 192 2.20 -1.51 24.15
N GLN A 193 1.75 -2.51 24.90
CA GLN A 193 0.33 -2.82 24.95
C GLN A 193 -0.48 -1.65 25.57
N ASN A 194 -0.05 -1.14 26.72
CA ASN A 194 -0.72 0.07 27.29
C ASN A 194 -0.73 1.32 26.37
N GLN A 195 0.37 1.57 25.67
CA GLN A 195 0.40 2.64 24.69
C GLN A 195 -0.59 2.45 23.55
N PHE A 196 -0.69 1.21 23.05
CA PHE A 196 -1.62 0.84 21.99
C PHE A 196 -3.08 1.02 22.44
N ASN A 197 -3.40 0.53 23.64
CA ASN A 197 -4.72 0.72 24.24
C ASN A 197 -5.08 2.21 24.40
N SER A 198 -4.12 3.06 24.77
CA SER A 198 -4.35 4.50 24.92
CA SER A 198 -4.35 4.51 24.91
C SER A 198 -4.68 5.16 23.57
N PHE A 199 -4.06 4.67 22.50
CA PHE A 199 -4.41 5.10 21.14
C PHE A 199 -5.88 4.77 20.80
N LEU A 200 -6.29 3.54 21.10
CA LEU A 200 -7.67 3.08 20.84
C LEU A 200 -8.66 3.88 21.66
N ASN A 201 -8.26 4.21 22.88
CA ASN A 201 -9.15 4.90 23.81
C ASN A 201 -9.59 6.26 23.33
N LYS A 202 -8.86 6.83 22.37
CA LYS A 202 -9.23 8.12 21.77
C LYS A 202 -10.45 8.00 20.81
N ILE A 203 -10.79 6.80 20.38
CA ILE A 203 -11.98 6.56 19.53
C ILE A 203 -13.08 5.99 20.43
N PRO A 204 -14.29 6.61 20.40
CA PRO A 204 -15.49 6.12 21.07
C PRO A 204 -15.58 4.57 21.13
N ASP A 205 -15.61 3.90 19.98
CA ASP A 205 -15.76 2.43 19.96
C ASP A 205 -14.47 1.61 20.18
N ARG A 206 -13.36 2.27 20.54
CA ARG A 206 -12.05 1.62 20.76
C ARG A 206 -11.57 0.77 19.59
N SER A 207 -11.98 1.08 18.37
CA SER A 207 -11.72 0.13 17.28
C SER A 207 -10.57 0.57 16.36
N GLY A 208 -10.06 1.77 16.55
CA GLY A 208 -9.05 2.28 15.60
C GLY A 208 -8.10 3.27 16.20
N ILE A 209 -7.29 3.85 15.34
CA ILE A 209 -6.22 4.69 15.78
C ILE A 209 -6.21 5.94 14.90
N LEU A 210 -6.23 7.10 15.55
CA LEU A 210 -6.26 8.39 14.85
C LEU A 210 -4.98 8.65 14.09
N GLN A 211 -5.10 9.43 13.02
CA GLN A 211 -3.96 9.69 12.17
C GLN A 211 -2.79 10.27 12.95
N GLU A 212 -3.11 11.06 13.98
CA GLU A 212 -2.07 11.73 14.80
C GLU A 212 -1.14 10.77 15.53
N ASP A 213 -1.57 9.52 15.71
CA ASP A 213 -0.77 8.50 16.36
C ASP A 213 -0.09 7.55 15.37
N PHE A 214 -0.04 7.96 14.09
CA PHE A 214 0.81 7.33 13.06
C PHE A 214 2.01 8.25 12.75
N ILE A 215 3.13 7.67 12.29
CA ILE A 215 4.26 8.51 11.92
C ILE A 215 4.02 8.94 10.46
N ILE A 216 3.71 10.22 10.29
CA ILE A 216 3.31 10.81 8.99
C ILE A 216 4.28 11.92 8.54
N ASN A 217 4.96 12.57 9.49
CA ASN A 217 5.69 13.82 9.19
C ASN A 217 7.13 13.62 8.67
N GLY A 218 7.25 13.03 7.48
CA GLY A 218 8.55 12.79 6.85
C GLY A 218 8.33 12.05 5.55
N ASP A 219 9.35 12.00 4.68
CA ASP A 219 9.26 11.30 3.38
C ASP A 219 8.95 9.84 3.63
N ASP A 220 8.03 9.31 2.83
CA ASP A 220 7.64 7.92 2.89
C ASP A 220 8.85 6.98 2.98
N TYR A 221 9.87 7.19 2.15
CA TYR A 221 10.91 6.17 2.04
C TYR A 221 11.65 6.00 3.37
N GLN A 222 11.65 7.06 4.18
CA GLN A 222 12.29 7.09 5.49
C GLN A 222 11.45 6.51 6.62
N ILE A 223 10.12 6.53 6.46
CA ILE A 223 9.24 6.28 7.61
C ILE A 223 8.25 5.12 7.49
N VAL A 224 8.00 4.68 6.26
CA VAL A 224 6.99 3.65 6.03
CA VAL A 224 7.00 3.66 5.99
C VAL A 224 7.50 2.26 6.41
N LYS A 225 6.58 1.39 6.83
CA LYS A 225 6.89 0.00 7.05
C LYS A 225 6.64 -0.81 5.75
N GLY A 226 7.51 -1.78 5.45
CA GLY A 226 7.30 -2.66 4.27
C GLY A 226 7.89 -2.10 2.98
N ASP A 227 8.24 -2.98 2.04
CA ASP A 227 8.72 -2.52 0.74
C ASP A 227 8.09 -3.34 -0.39
N GLY A 228 6.96 -3.99 -0.11
CA GLY A 228 6.31 -4.86 -1.07
C GLY A 228 6.64 -6.34 -0.97
N GLU A 229 7.57 -6.68 -0.06
CA GLU A 229 7.99 -8.06 0.11
C GLU A 229 6.84 -8.94 0.55
N SER A 230 6.00 -8.43 1.47
CA SER A 230 5.03 -9.27 2.16
C SER A 230 3.95 -8.46 2.88
N PHE A 231 2.80 -9.08 3.05
CA PHE A 231 1.74 -8.65 3.98
C PHE A 231 2.20 -8.75 5.43
N LYS A 232 3.06 -9.75 5.72
CA LYS A 232 3.62 -9.93 7.05
C LYS A 232 4.81 -9.03 7.30
N LEU A 233 4.99 -8.69 8.57
CA LEU A 233 6.24 -8.15 9.07
C LEU A 233 6.95 -9.34 9.71
N PHE A 234 8.27 -9.38 9.61
CA PHE A 234 9.02 -10.60 9.92
C PHE A 234 9.52 -10.63 11.35
N SER A 235 9.26 -11.75 12.03
CA SER A 235 9.84 -11.97 13.37
C SER A 235 11.29 -12.48 13.28
N ASP A 236 11.55 -13.40 12.35
CA ASP A 236 12.94 -13.79 12.06
C ASP A 236 13.58 -12.70 11.17
N ARG A 237 14.59 -12.00 11.66
CA ARG A 237 15.17 -10.94 10.81
C ARG A 237 16.17 -11.45 9.76
N LYS A 238 16.44 -12.75 9.77
CA LYS A 238 17.42 -13.34 8.85
C LYS A 238 16.77 -13.67 7.52
N VAL A 239 17.40 -13.27 6.43
CA VAL A 239 16.90 -13.68 5.12
C VAL A 239 17.23 -15.19 4.89
N PRO A 240 16.21 -16.02 4.59
CA PRO A 240 16.61 -17.43 4.36
C PRO A 240 17.11 -17.64 2.94
N VAL A 241 17.90 -18.70 2.74
CA VAL A 241 18.16 -19.12 1.37
C VAL A 241 16.85 -19.69 0.81
N THR A 242 16.41 -19.17 -0.33
CA THR A 242 15.33 -19.76 -1.10
C THR A 242 15.69 -21.20 -1.47
N GLY A 243 14.96 -22.16 -0.92
CA GLY A 243 15.23 -23.57 -1.19
C GLY A 243 16.25 -24.23 -0.27
N GLY A 244 16.66 -23.51 0.79
CA GLY A 244 17.38 -24.11 1.92
C GLY A 244 16.58 -23.78 3.17
N THR A 245 17.22 -23.83 4.33
CA THR A 245 16.67 -23.20 5.56
C THR A 245 17.66 -22.20 6.13
N THR A 246 18.91 -22.31 5.65
CA THR A 246 20.01 -21.54 6.21
C THR A 246 19.94 -20.06 5.76
N GLN A 247 20.69 -19.21 6.45
CA GLN A 247 20.66 -17.77 6.19
C GLN A 247 21.42 -17.40 4.92
N ALA A 248 20.72 -16.74 3.98
CA ALA A 248 21.33 -16.20 2.77
C ALA A 248 22.51 -15.27 3.03
N ALA A 249 23.44 -15.22 2.09
CA ALA A 249 24.63 -14.40 2.24
C ALA A 249 24.99 -13.80 0.89
N TYR A 250 25.61 -12.62 0.94
CA TYR A 250 26.16 -11.94 -0.24
C TYR A 250 27.69 -12.15 -0.25
N ARG A 251 28.17 -12.81 -1.29
CA ARG A 251 29.60 -13.06 -1.45
C ARG A 251 30.29 -11.89 -2.13
N VAL A 252 31.23 -11.29 -1.39
CA VAL A 252 31.94 -10.12 -1.87
C VAL A 252 33.05 -10.53 -2.86
N PRO A 253 32.91 -10.11 -4.13
CA PRO A 253 33.99 -10.32 -5.09
C PRO A 253 35.30 -9.77 -4.56
N GLN A 254 36.41 -10.30 -5.09
CA GLN A 254 37.76 -9.89 -4.67
C GLN A 254 38.05 -8.39 -4.83
N ASN A 255 37.60 -7.82 -5.95
CA ASN A 255 37.89 -6.42 -6.24
C ASN A 255 36.89 -5.42 -5.60
N GLN A 256 36.07 -5.90 -4.67
CA GLN A 256 35.10 -5.04 -4.00
C GLN A 256 35.25 -5.17 -2.48
N LEU A 257 36.15 -6.07 -2.06
CA LEU A 257 36.42 -6.35 -0.67
C LEU A 257 36.93 -5.17 0.16
N SER A 258 37.89 -4.41 -0.37
CA SER A 258 38.42 -3.31 0.43
C SER A 258 37.42 -2.15 0.50
N VAL A 259 36.79 -1.81 -0.62
CA VAL A 259 35.72 -0.81 -0.67
C VAL A 259 34.57 -1.15 0.28
N MET A 260 34.08 -2.40 0.22
CA MET A 260 32.96 -2.80 1.08
C MET A 260 33.37 -2.85 2.53
N SER A 261 34.63 -3.17 2.81
CA SER A 261 35.13 -3.11 4.16
C SER A 261 35.19 -1.66 4.67
N ASN A 262 35.71 -0.76 3.83
CA ASN A 262 35.84 0.67 4.16
C ASN A 262 34.48 1.33 4.28
N GLU A 263 33.54 0.91 3.44
CA GLU A 263 32.16 1.39 3.57
C GLU A 263 31.52 1.06 4.91
N GLY A 264 31.97 -0.01 5.56
CA GLY A 264 31.46 -0.39 6.88
C GLY A 264 30.65 -1.69 6.96
N TYR A 265 30.44 -2.37 5.83
CA TYR A 265 29.78 -3.68 5.83
C TYR A 265 30.41 -4.70 6.78
N ALA A 266 29.56 -5.50 7.43
CA ALA A 266 30.02 -6.61 8.25
C ALA A 266 30.39 -7.80 7.34
N ILE A 267 31.68 -7.92 6.98
CA ILE A 267 32.16 -9.02 6.14
C ILE A 267 32.86 -10.12 6.97
N ASN A 268 32.36 -11.34 6.89
CA ASN A 268 32.90 -12.47 7.64
C ASN A 268 33.35 -13.56 6.68
N SER A 269 34.68 -13.68 6.57
CA SER A 269 35.35 -14.59 5.64
C SER A 269 34.82 -14.51 4.21
N GLY A 270 34.63 -13.28 3.74
CA GLY A 270 34.24 -13.01 2.38
C GLY A 270 32.75 -12.90 2.18
N TYR A 271 31.98 -13.07 3.26
CA TYR A 271 30.50 -13.10 3.18
C TYR A 271 29.82 -12.04 4.03
N ILE A 272 28.76 -11.44 3.49
CA ILE A 272 27.90 -10.54 4.28
C ILE A 272 26.62 -11.29 4.51
N TYR A 273 26.34 -11.64 5.74
CA TYR A 273 25.10 -12.37 6.00
C TYR A 273 23.90 -11.43 5.94
N LEU A 274 22.79 -11.93 5.40
CA LEU A 274 21.68 -11.08 4.95
C LEU A 274 20.49 -11.09 5.90
N TYR A 275 20.03 -9.88 6.19
CA TYR A 275 18.94 -9.61 7.10
C TYR A 275 17.92 -8.75 6.39
N TRP A 276 16.66 -8.90 6.77
CA TRP A 276 15.62 -7.99 6.24
C TRP A 276 15.92 -6.56 6.72
N ARG A 277 15.66 -5.56 5.89
CA ARG A 277 15.84 -4.19 6.35
C ARG A 277 14.83 -3.89 7.49
N ASP A 278 15.15 -3.03 8.44
CA ASP A 278 14.32 -3.04 9.66
C ASP A 278 12.86 -2.52 9.51
N TYR A 279 12.55 -1.91 8.36
CA TYR A 279 11.17 -1.53 8.07
C TYR A 279 10.28 -2.75 7.76
N ASN A 280 10.91 -3.92 7.63
CA ASN A 280 10.21 -5.17 7.38
C ASN A 280 10.12 -6.09 8.62
N TRP A 281 10.60 -5.62 9.77
CA TRP A 281 10.58 -6.40 11.02
C TRP A 281 9.31 -6.18 11.81
N VAL A 282 8.90 -7.19 12.55
CA VAL A 282 7.93 -6.99 13.61
C VAL A 282 8.36 -5.81 14.46
N TYR A 283 7.39 -4.96 14.76
CA TYR A 283 7.65 -3.76 15.55
C TYR A 283 6.50 -3.54 16.54
N PRO A 284 6.70 -2.73 17.59
CA PRO A 284 7.83 -1.90 17.93
C PRO A 284 9.02 -2.72 18.45
N PHE A 285 10.20 -2.16 18.26
CA PHE A 285 11.46 -2.70 18.77
C PHE A 285 12.30 -1.53 19.29
N ASP A 286 13.15 -1.81 20.27
CA ASP A 286 14.01 -0.81 20.87
C ASP A 286 14.97 -0.34 19.79
N PRO A 287 15.03 0.98 19.51
CA PRO A 287 15.82 1.45 18.36
C PRO A 287 17.33 1.35 18.57
N LYS A 288 17.77 1.22 19.81
CA LYS A 288 19.21 1.13 20.08
C LYS A 288 19.72 -0.30 20.35
N THR A 289 18.95 -1.10 21.07
CA THR A 289 19.34 -2.47 21.35
C THR A 289 18.64 -3.53 20.42
N LYS A 290 17.74 -3.06 19.54
CA LYS A 290 16.99 -3.92 18.58
C LYS A 290 15.99 -4.91 19.20
N LYS A 291 15.87 -4.93 20.53
CA LYS A 291 14.95 -5.84 21.22
C LYS A 291 13.49 -5.55 20.86
N VAL A 292 12.81 -6.59 20.36
CA VAL A 292 11.40 -6.49 19.94
C VAL A 292 10.49 -6.35 21.18
N SER A 293 9.37 -5.66 21.02
CA SER A 293 8.35 -5.61 22.07
C SER A 293 8.06 -6.97 22.67
N ALA A 294 7.89 -7.00 23.98
CA ALA A 294 7.52 -8.21 24.69
C ALA A 294 6.01 -8.20 25.01
N THR A 295 5.28 -7.18 24.54
CA THR A 295 3.83 -7.15 24.69
C THR A 295 3.21 -6.98 23.31
N LYS A 296 2.75 -5.76 23.00
CA LYS A 296 2.04 -5.55 21.73
C LYS A 296 3.03 -5.62 20.58
N GLN A 297 2.68 -6.41 19.55
CA GLN A 297 3.49 -6.53 18.35
C GLN A 297 2.64 -6.36 17.07
N ILE A 298 3.13 -5.60 16.13
CA ILE A 298 2.42 -5.43 14.86
C ILE A 298 3.14 -6.37 13.92
N LYS A 299 2.39 -7.26 13.31
CA LYS A 299 2.96 -8.39 12.59
C LYS A 299 2.53 -8.42 11.13
N THR A 300 1.69 -7.48 10.71
CA THR A 300 1.13 -7.46 9.35
C THR A 300 0.87 -6.00 8.95
N HIS A 301 0.74 -5.75 7.66
CA HIS A 301 0.33 -4.43 7.21
C HIS A 301 -1.20 -4.26 7.24
N GLY A 302 -1.93 -5.37 7.38
CA GLY A 302 -3.41 -5.31 7.41
C GLY A 302 -3.84 -4.60 8.67
N GLU A 303 -3.25 -4.97 9.80
CA GLU A 303 -3.70 -4.44 11.08
C GLU A 303 -3.64 -2.89 11.18
N PRO A 304 -2.47 -2.25 10.93
CA PRO A 304 -2.40 -0.79 10.96
C PRO A 304 -3.30 -0.11 9.93
N THR A 305 -3.42 -0.70 8.73
CA THR A 305 -4.35 -0.18 7.70
C THR A 305 -5.82 -0.21 8.21
N THR A 306 -6.23 -1.31 8.82
CA THR A 306 -7.59 -1.43 9.34
C THR A 306 -7.82 -0.48 10.55
N LEU A 307 -6.82 -0.37 11.41
CA LEU A 307 -6.86 0.53 12.55
C LEU A 307 -6.95 1.99 12.05
N TYR A 308 -6.14 2.34 11.05
CA TYR A 308 -6.27 3.63 10.41
C TYR A 308 -7.70 3.84 9.85
N PHE A 309 -8.22 2.85 9.11
CA PHE A 309 -9.56 2.97 8.52
C PHE A 309 -10.64 3.20 9.58
N ASN A 310 -10.63 2.39 10.64
CA ASN A 310 -11.67 2.49 11.68
C ASN A 310 -11.61 3.80 12.45
N GLY A 311 -10.39 4.28 12.73
CA GLY A 311 -10.20 5.54 13.45
C GLY A 311 -10.52 6.81 12.68
N ASN A 312 -10.35 6.80 11.34
CA ASN A 312 -10.34 8.06 10.56
C ASN A 312 -11.31 8.15 9.38
N ILE A 313 -11.77 7.01 8.89
CA ILE A 313 -12.60 6.98 7.71
C ILE A 313 -13.98 6.42 8.02
N ARG A 314 -14.01 5.25 8.66
CA ARG A 314 -15.28 4.59 8.96
C ARG A 314 -16.34 5.47 9.68
N PRO A 315 -15.96 6.32 10.68
CA PRO A 315 -16.99 7.20 11.31
C PRO A 315 -17.70 8.19 10.37
N LYS A 316 -17.06 8.55 9.26
CA LYS A 316 -17.50 9.63 8.36
C LYS A 316 -18.77 9.32 7.56
N GLY A 317 -19.31 8.11 7.72
CA GLY A 317 -20.51 7.70 7.01
C GLY A 317 -20.48 7.45 5.49
N TYR A 318 -19.30 7.38 4.87
CA TYR A 318 -19.29 7.17 3.42
C TYR A 318 -19.79 5.78 3.01
N ASP A 319 -20.32 5.67 1.80
CA ASP A 319 -20.46 4.32 1.20
C ASP A 319 -19.18 3.94 0.47
N ILE A 320 -18.58 2.83 0.88
CA ILE A 320 -17.28 2.40 0.36
C ILE A 320 -17.40 0.99 -0.16
N PHE A 321 -17.13 0.83 -1.45
CA PHE A 321 -17.29 -0.46 -2.11
C PHE A 321 -15.93 -0.92 -2.59
N THR A 322 -15.66 -2.20 -2.47
CA THR A 322 -14.35 -2.73 -2.86
C THR A 322 -14.53 -3.92 -3.79
N VAL A 323 -13.93 -3.85 -4.98
CA VAL A 323 -13.96 -5.00 -5.89
C VAL A 323 -12.53 -5.57 -5.96
N GLY A 324 -12.35 -6.78 -5.45
CA GLY A 324 -11.06 -7.46 -5.53
C GLY A 324 -10.95 -8.26 -6.83
N ILE A 325 -9.72 -8.38 -7.33
CA ILE A 325 -9.46 -9.16 -8.53
C ILE A 325 -8.56 -10.37 -8.24
N GLY A 326 -9.17 -11.55 -8.11
CA GLY A 326 -8.48 -12.79 -7.79
C GLY A 326 -7.71 -12.70 -6.48
N VAL A 327 -8.25 -11.96 -5.51
CA VAL A 327 -7.55 -11.76 -4.24
C VAL A 327 -7.44 -13.10 -3.53
N ASN A 328 -6.22 -13.45 -3.16
CA ASN A 328 -5.98 -14.65 -2.38
C ASN A 328 -5.00 -14.46 -1.22
N GLY A 329 -4.54 -13.23 -0.99
CA GLY A 329 -3.61 -12.98 0.14
C GLY A 329 -2.12 -12.93 -0.20
N ASP A 330 -1.76 -13.35 -1.41
CA ASP A 330 -0.36 -13.28 -1.83
CA ASP A 330 -0.37 -13.27 -1.88
C ASP A 330 0.15 -11.83 -1.89
N PRO A 331 1.37 -11.58 -1.40
CA PRO A 331 2.30 -12.51 -0.71
C PRO A 331 2.15 -12.40 0.81
N GLY A 332 2.00 -13.53 1.47
CA GLY A 332 2.07 -13.56 2.93
C GLY A 332 0.81 -13.57 3.77
N ALA A 333 -0.35 -13.21 3.20
CA ALA A 333 -1.62 -13.39 3.92
C ALA A 333 -2.33 -14.69 3.51
N THR A 334 -3.07 -15.30 4.43
CA THR A 334 -3.90 -16.44 4.06
C THR A 334 -5.14 -15.87 3.33
N PRO A 335 -5.78 -16.67 2.45
CA PRO A 335 -7.05 -16.25 1.82
C PRO A 335 -8.12 -15.74 2.80
N LEU A 336 -8.18 -16.31 4.00
CA LEU A 336 -9.15 -15.84 5.00
C LEU A 336 -8.77 -14.46 5.57
N GLU A 337 -7.48 -14.26 5.88
CA GLU A 337 -7.00 -12.97 6.31
C GLU A 337 -7.26 -11.90 5.23
N ALA A 338 -6.99 -12.24 3.99
CA ALA A 338 -7.19 -11.29 2.89
C ALA A 338 -8.67 -10.91 2.76
N GLU A 339 -9.58 -11.86 2.95
CA GLU A 339 -10.99 -11.59 2.76
C GLU A 339 -11.47 -10.64 3.85
N LYS A 340 -11.12 -10.96 5.09
CA LYS A 340 -11.58 -10.18 6.24
C LYS A 340 -11.00 -8.77 6.08
N PHE A 341 -9.72 -8.70 5.67
CA PHE A 341 -9.07 -7.42 5.44
C PHE A 341 -9.84 -6.51 4.49
N MET A 342 -10.12 -7.02 3.30
CA MET A 342 -10.87 -6.28 2.27
C MET A 342 -12.28 -5.81 2.75
N GLN A 343 -12.97 -6.68 3.49
CA GLN A 343 -14.23 -6.29 4.14
C GLN A 343 -14.01 -5.24 5.19
N SER A 344 -12.92 -5.33 5.93
CA SER A 344 -12.60 -4.36 6.98
C SER A 344 -12.34 -2.96 6.41
N ILE A 345 -11.99 -2.87 5.13
CA ILE A 345 -11.81 -1.54 4.51
C ILE A 345 -12.96 -1.13 3.55
N SER A 346 -14.08 -1.82 3.70
CA SER A 346 -15.32 -1.50 3.00
C SER A 346 -16.29 -1.05 4.09
N SER A 347 -17.32 -0.32 3.68
CA SER A 347 -18.20 0.32 4.65
C SER A 347 -19.21 -0.66 5.25
N LYS A 348 -19.43 -1.76 4.55
CA LYS A 348 -20.15 -2.94 5.07
C LYS A 348 -19.41 -4.17 4.56
N THR A 349 -19.64 -5.30 5.24
CA THR A 349 -19.02 -6.58 4.86
C THR A 349 -19.45 -7.00 3.46
N GLU A 350 -20.73 -6.79 3.14
CA GLU A 350 -21.25 -7.15 1.83
C GLU A 350 -20.76 -6.21 0.71
N ASN A 351 -20.07 -5.14 1.09
CA ASN A 351 -19.54 -4.15 0.15
C ASN A 351 -18.19 -4.54 -0.48
N TYR A 352 -17.69 -5.74 -0.16
CA TYR A 352 -16.53 -6.29 -0.83
C TYR A 352 -16.97 -7.44 -1.70
N THR A 353 -16.59 -7.41 -2.96
CA THR A 353 -16.73 -8.61 -3.81
C THR A 353 -15.41 -8.90 -4.51
N ASN A 354 -15.02 -10.17 -4.48
CA ASN A 354 -13.82 -10.65 -5.13
C ASN A 354 -14.22 -11.42 -6.38
N VAL A 355 -13.74 -10.99 -7.56
CA VAL A 355 -14.06 -11.66 -8.83
C VAL A 355 -12.93 -12.60 -9.20
N ASP A 356 -13.25 -13.63 -9.96
CA ASP A 356 -12.22 -14.54 -10.46
C ASP A 356 -12.05 -14.33 -11.97
N ASP A 357 -12.70 -13.30 -12.50
CA ASP A 357 -12.82 -13.11 -13.96
C ASP A 357 -12.78 -11.60 -14.19
N THR A 358 -11.79 -11.13 -14.96
CA THR A 358 -11.61 -9.70 -15.13
C THR A 358 -12.76 -9.10 -15.92
N ASN A 359 -13.60 -9.96 -16.51
CA ASN A 359 -14.69 -9.45 -17.32
C ASN A 359 -15.93 -9.18 -16.47
N LYS A 360 -15.83 -9.47 -15.17
CA LYS A 360 -16.94 -9.25 -14.24
C LYS A 360 -16.75 -7.98 -13.41
N ILE A 361 -15.60 -7.30 -13.57
CA ILE A 361 -15.23 -6.13 -12.73
C ILE A 361 -16.21 -4.97 -12.88
N TYR A 362 -16.44 -4.54 -14.12
CA TYR A 362 -17.48 -3.53 -14.32
C TYR A 362 -18.84 -3.91 -13.71
N ASP A 363 -19.26 -5.17 -13.86
CA ASP A 363 -20.60 -5.54 -13.43
C ASP A 363 -20.73 -5.42 -11.91
N GLU A 364 -19.63 -5.62 -11.19
CA GLU A 364 -19.68 -5.58 -9.73
C GLU A 364 -19.68 -4.13 -9.25
N LEU A 365 -18.89 -3.30 -9.92
CA LEU A 365 -18.97 -1.83 -9.73
C LEU A 365 -20.41 -1.29 -10.01
N ASN A 366 -21.00 -1.75 -11.10
CA ASN A 366 -22.31 -1.29 -11.48
C ASN A 366 -23.36 -1.72 -10.45
N LYS A 367 -23.28 -2.99 -10.04
CA LYS A 367 -24.16 -3.54 -9.02
C LYS A 367 -24.15 -2.68 -7.78
N TYR A 368 -22.96 -2.29 -7.32
CA TYR A 368 -22.80 -1.42 -6.15
C TYR A 368 -23.29 0.01 -6.37
N PHE A 369 -22.96 0.60 -7.51
CA PHE A 369 -23.55 1.88 -7.90
C PHE A 369 -25.09 1.79 -7.91
N LYS A 370 -25.65 0.69 -8.39
CA LYS A 370 -27.12 0.57 -8.46
C LYS A 370 -27.83 0.57 -7.09
N THR A 371 -27.16 0.11 -6.03
CA THR A 371 -27.71 0.15 -4.67
C THR A 371 -27.84 1.59 -4.15
N ILE A 372 -27.12 2.53 -4.77
CA ILE A 372 -27.15 3.95 -4.39
C ILE A 372 -28.18 4.74 -5.23
N VAL A 373 -28.21 4.44 -6.54
CA VAL A 373 -29.02 5.13 -7.54
C VAL A 373 -29.83 4.11 -8.32
N1 EPE B . 9.00 -0.60 27.23
C2 EPE B . 9.67 0.01 26.06
C3 EPE B . 10.54 1.20 26.38
N4 EPE B . 11.20 1.22 27.68
C5 EPE B . 10.56 0.61 28.84
C6 EPE B . 9.79 -0.67 28.48
C7 EPE B . 12.07 2.38 27.81
C8 EPE B . 12.17 3.00 29.21
O8 EPE B . 13.11 4.01 28.97
C9 EPE B . 8.69 -1.91 26.69
C10 EPE B . 8.08 -2.92 27.63
S EPE B . 7.24 -4.14 26.59
O1S EPE B . 7.03 -5.36 27.34
O2S EPE B . 5.96 -3.59 26.13
O3S EPE B . 8.11 -4.41 25.46
MG MG C . -1.33 -6.28 -6.83
#